data_7L7N
#
_entry.id   7L7N
#
_cell.length_a   54.623
_cell.length_b   58.728
_cell.length_c   60.209
_cell.angle_alpha   90.000
_cell.angle_beta   90.000
_cell.angle_gamma   90.000
#
_symmetry.space_group_name_H-M   'P 21 21 21'
#
loop_
_entity.id
_entity.type
_entity.pdbx_description
1 polymer 'NS3 protease'
2 non-polymer 'ZINC ION'
3 non-polymer '1-(trifluoromethyl)cyclobutyl [(2R,6S,12Z,13aS,14aR,16aS)-2-{[6-methoxy-3-(trifluoromethyl)quinoxalin-2-yl]oxy}-14a-{[(1-methylcyclopropyl)sulfonyl]carbamoyl}-5,16-dioxo-1,2,3,5,6,7,8,9,10,11,13a,14,14a,15,16,16a-hexadecahydrocyclopropa[e]pyrrolo[1,2-a][1,4]diazacyclopentadecin-6-yl]carbamate'
4 non-polymer 1,2-ETHANEDIOL
5 non-polymer 'SULFATE ION'
6 water water
#
_entity_poly.entity_id   1
_entity_poly.type   'polypeptide(L)'
_entity_poly.pdbx_seq_one_letter_code
;MGSSHHHHHHSSGLVPRGSHHMASMKKKGSVVIVGRINLSGDTAYAQQTRGEEGCQETSQTGRDKNQVEGEVQIVSTATQ
TFLATSINGVLWTVYHGAGTRTIASPKGPVTQMYTNVDKDLVGWQAPQGSRSLTPCTCGSSDLYLVTRHADVIPVRRRGD
SRGSLLSPRPISYLKGSSGGPLLCPAGHAVGIFRAAVSTRGVAKAVAFIPVESLETTMRSP
;
_entity_poly.pdbx_strand_id   A
#
# COMPACT_ATOMS: atom_id res chain seq x y z
N HIS A 21 3.16 -6.94 -33.73
CA HIS A 21 3.43 -8.31 -34.13
C HIS A 21 4.24 -8.95 -33.07
N MET A 22 4.63 -10.23 -33.20
CA MET A 22 4.88 -10.98 -31.97
C MET A 22 6.22 -10.63 -31.45
N ALA A 23 7.18 -10.51 -32.37
CA ALA A 23 8.60 -10.30 -32.02
C ALA A 23 8.82 -9.00 -31.25
N SER A 24 7.87 -8.07 -31.31
CA SER A 24 8.01 -6.77 -30.67
C SER A 24 7.11 -6.61 -29.45
N MET A 25 6.39 -7.67 -29.05
CA MET A 25 5.51 -7.57 -27.90
C MET A 25 6.32 -7.28 -26.63
N LYS A 26 5.93 -6.22 -25.92
CA LYS A 26 6.64 -5.78 -24.73
C LYS A 26 6.08 -6.46 -23.48
N LYS A 27 6.89 -6.48 -22.43
CA LYS A 27 6.48 -6.96 -21.11
C LYS A 27 6.37 -5.78 -20.17
N LYS A 28 5.31 -5.75 -19.37
CA LYS A 28 5.18 -4.73 -18.35
C LYS A 28 6.25 -4.93 -17.27
N GLY A 29 6.72 -3.82 -16.71
CA GLY A 29 7.75 -3.87 -15.70
C GLY A 29 7.22 -4.34 -14.36
N SER A 30 8.13 -4.50 -13.42
CA SER A 30 7.77 -4.85 -12.05
C SER A 30 7.37 -3.60 -11.28
N VAL A 31 6.52 -3.79 -10.28
CA VAL A 31 6.37 -2.81 -9.21
C VAL A 31 7.70 -2.71 -8.48
N VAL A 32 8.07 -1.48 -8.10
CA VAL A 32 9.36 -1.20 -7.49
C VAL A 32 9.15 -0.45 -6.18
N ILE A 33 9.81 -0.92 -5.12
CA ILE A 33 9.83 -0.13 -3.88
C ILE A 33 10.76 1.06 -4.07
N VAL A 34 10.22 2.26 -3.85
CA VAL A 34 11.01 3.48 -4.00
C VAL A 34 11.14 4.25 -2.70
N GLY A 35 10.50 3.80 -1.63
CA GLY A 35 10.64 4.49 -0.37
C GLY A 35 9.84 3.77 0.68
N ARG A 36 9.71 4.43 1.82
CA ARG A 36 8.92 3.86 2.91
C ARG A 36 8.35 4.97 3.77
N ILE A 37 7.32 4.64 4.52
CA ILE A 37 6.80 5.51 5.56
C ILE A 37 7.40 5.04 6.87
N ASN A 38 8.23 5.88 7.47
CA ASN A 38 8.93 5.52 8.69
C ASN A 38 8.01 5.77 9.88
N LEU A 39 7.65 4.69 10.57
CA LEU A 39 6.79 4.72 11.74
C LEU A 39 7.52 4.21 12.98
N SER A 40 8.84 4.09 12.91
CA SER A 40 9.60 3.41 13.97
C SER A 40 9.86 4.30 15.18
N GLY A 41 9.72 5.60 15.05
CA GLY A 41 9.97 6.51 16.15
C GLY A 41 8.74 7.26 16.61
N ASP A 42 8.94 8.48 17.10
CA ASP A 42 7.83 9.34 17.55
C ASP A 42 7.28 10.22 16.43
N THR A 43 7.97 10.30 15.29
CA THR A 43 7.58 11.14 14.18
C THR A 43 7.47 10.29 12.93
N ALA A 44 6.31 10.33 12.28
CA ALA A 44 6.13 9.62 11.01
C ALA A 44 6.67 10.48 9.87
N TYR A 45 7.50 9.89 9.01
CA TYR A 45 8.02 10.64 7.88
C TYR A 45 8.31 9.72 6.71
N ALA A 46 8.18 10.28 5.50
CA ALA A 46 8.44 9.54 4.28
C ALA A 46 9.93 9.60 3.99
N GLN A 47 10.48 8.47 3.54
CA GLN A 47 11.85 8.40 3.07
C GLN A 47 11.86 7.86 1.66
N GLN A 48 12.63 8.50 0.78
CA GLN A 48 12.84 7.94 -0.54
C GLN A 48 14.12 7.12 -0.52
N THR A 49 14.06 5.92 -1.11
CA THR A 49 15.20 5.04 -1.20
C THR A 49 15.66 4.80 -2.65
N ARG A 50 14.89 5.24 -3.63
CA ARG A 50 15.30 5.12 -5.03
C ARG A 50 14.72 6.27 -5.83
N GLY A 51 15.57 6.87 -6.68
CA GLY A 51 15.14 7.92 -7.59
C GLY A 51 14.57 7.37 -8.89
N GLU A 52 14.13 8.30 -9.74
CA GLU A 52 13.34 7.93 -10.91
C GLU A 52 14.13 7.06 -11.88
N GLU A 53 15.39 7.43 -12.17
CA GLU A 53 16.18 6.64 -13.10
C GLU A 53 16.35 5.21 -12.59
N GLY A 54 16.76 5.07 -11.34
CA GLY A 54 16.90 3.75 -10.75
C GLY A 54 15.60 2.99 -10.71
N CYS A 55 14.49 3.69 -10.50
CA CYS A 55 13.19 3.02 -10.48
C CYS A 55 12.89 2.43 -11.85
N GLN A 56 13.11 3.21 -12.90
CA GLN A 56 12.81 2.72 -14.25
C GLN A 56 13.66 1.50 -14.59
N GLU A 57 14.96 1.55 -14.27
CA GLU A 57 15.82 0.41 -14.57
C GLU A 57 15.40 -0.81 -13.74
N THR A 58 15.09 -0.60 -12.46
CA THR A 58 14.68 -1.71 -11.60
C THR A 58 13.34 -2.28 -12.04
N SER A 59 12.46 -1.46 -12.60
CA SER A 59 11.19 -2.00 -13.08
C SER A 59 11.40 -2.93 -14.26
N GLN A 60 12.35 -2.59 -15.14
CA GLN A 60 12.59 -3.40 -16.32
C GLN A 60 13.24 -4.72 -15.96
N THR A 61 14.24 -4.70 -15.07
CA THR A 61 14.96 -5.91 -14.75
C THR A 61 14.23 -6.74 -13.69
N GLY A 62 13.45 -6.10 -12.83
CA GLY A 62 12.91 -6.77 -11.68
C GLY A 62 13.92 -7.11 -10.59
N ARG A 63 15.14 -6.61 -10.69
CA ARG A 63 16.19 -6.87 -9.71
C ARG A 63 16.42 -5.63 -8.86
N ASP A 64 16.07 -5.73 -7.57
CA ASP A 64 16.21 -4.65 -6.60
C ASP A 64 17.11 -5.13 -5.48
N LYS A 65 18.35 -4.60 -5.44
CA LYS A 65 19.28 -4.98 -4.39
C LYS A 65 19.15 -4.14 -3.13
N ASN A 66 18.28 -3.13 -3.14
CA ASN A 66 18.12 -2.27 -1.98
C ASN A 66 17.65 -3.07 -0.77
N GLN A 67 18.13 -2.68 0.42
CA GLN A 67 17.65 -3.26 1.65
C GLN A 67 16.30 -2.64 2.01
N VAL A 68 15.33 -3.48 2.33
CA VAL A 68 13.98 -3.03 2.65
C VAL A 68 13.82 -2.98 4.15
N GLU A 69 13.12 -1.95 4.64
CA GLU A 69 12.81 -1.84 6.04
C GLU A 69 11.37 -1.36 6.20
N GLY A 70 10.79 -1.66 7.36
CA GLY A 70 9.54 -1.06 7.74
C GLY A 70 8.33 -1.83 7.23
N GLU A 71 7.17 -1.28 7.59
CA GLU A 71 5.87 -1.89 7.34
C GLU A 71 5.15 -1.32 6.14
N VAL A 72 5.29 -0.04 5.85
CA VAL A 72 4.61 0.61 4.74
C VAL A 72 5.67 1.03 3.74
N GLN A 73 5.61 0.46 2.53
CA GLN A 73 6.48 0.82 1.42
C GLN A 73 5.77 1.78 0.49
N ILE A 74 6.55 2.69 -0.08
CA ILE A 74 6.14 3.48 -1.23
C ILE A 74 6.58 2.74 -2.48
N VAL A 75 5.65 2.49 -3.39
CA VAL A 75 5.91 1.67 -4.55
C VAL A 75 5.52 2.42 -5.81
N SER A 76 6.15 2.05 -6.92
CA SER A 76 5.85 2.69 -8.19
C SER A 76 5.91 1.70 -9.34
N THR A 77 5.17 2.04 -10.40
CA THR A 77 5.35 1.51 -11.75
C THR A 77 5.81 2.64 -12.67
N ALA A 78 5.92 2.36 -13.96
CA ALA A 78 6.28 3.42 -14.90
C ALA A 78 5.21 4.50 -14.95
N THR A 79 3.98 4.18 -14.54
CA THR A 79 2.85 5.07 -14.72
C THR A 79 2.17 5.50 -13.43
N GLN A 80 2.41 4.81 -12.31
CA GLN A 80 1.65 5.08 -11.10
C GLN A 80 2.55 4.97 -9.88
N THR A 81 2.21 5.71 -8.83
CA THR A 81 2.87 5.54 -7.54
C THR A 81 1.80 5.44 -6.45
N PHE A 82 2.03 4.57 -5.48
CA PHE A 82 1.03 4.25 -4.45
C PHE A 82 1.78 3.57 -3.30
N LEU A 83 1.05 2.92 -2.40
CA LEU A 83 1.65 2.33 -1.21
C LEU A 83 1.42 0.83 -1.18
N ALA A 84 2.22 0.14 -0.35
CA ALA A 84 2.05 -1.28 -0.04
C ALA A 84 2.35 -1.51 1.43
N THR A 85 1.60 -2.43 2.05
CA THR A 85 1.67 -2.63 3.49
C THR A 85 1.86 -4.10 3.82
N SER A 86 2.83 -4.40 4.67
CA SER A 86 3.08 -5.78 5.10
C SER A 86 2.22 -6.13 6.30
N ILE A 87 1.46 -7.22 6.17
CA ILE A 87 0.60 -7.73 7.24
C ILE A 87 0.74 -9.25 7.21
N ASN A 88 1.15 -9.83 8.35
CA ASN A 88 1.36 -11.28 8.50
C ASN A 88 2.17 -11.88 7.35
N GLY A 89 3.29 -11.24 7.06
CA GLY A 89 4.25 -11.78 6.13
C GLY A 89 3.89 -11.64 4.67
N VAL A 90 2.88 -10.83 4.35
CA VAL A 90 2.47 -10.56 2.97
C VAL A 90 2.51 -9.05 2.76
N LEU A 91 3.12 -8.61 1.65
CA LEU A 91 3.09 -7.21 1.23
C LEU A 91 1.86 -7.00 0.36
N TRP A 92 0.89 -6.24 0.86
CA TRP A 92 -0.42 -6.07 0.22
C TRP A 92 -0.51 -4.72 -0.48
N THR A 93 -1.25 -4.67 -1.57
CA THR A 93 -1.57 -3.39 -2.20
C THR A 93 -2.85 -3.55 -3.02
N VAL A 94 -3.24 -2.51 -3.75
CA VAL A 94 -4.43 -2.54 -4.57
C VAL A 94 -4.13 -3.00 -6.00
N TYR A 95 -5.12 -3.71 -6.56
CA TYR A 95 -5.05 -4.17 -7.93
C TYR A 95 -5.10 -2.99 -8.90
N HIS A 96 -5.85 -1.93 -8.58
CA HIS A 96 -5.91 -0.80 -9.49
C HIS A 96 -4.57 -0.06 -9.61
N GLY A 97 -3.63 -0.33 -8.71
CA GLY A 97 -2.28 0.17 -8.84
C GLY A 97 -1.34 -0.84 -9.46
N ALA A 98 -1.35 -2.08 -8.95
CA ALA A 98 -0.35 -3.06 -9.37
C ALA A 98 -0.77 -3.93 -10.54
N GLY A 99 -2.07 -4.06 -10.81
CA GLY A 99 -2.51 -5.08 -11.74
C GLY A 99 -1.95 -6.42 -11.33
N THR A 100 -1.56 -7.23 -12.32
CA THR A 100 -0.98 -8.54 -12.09
C THR A 100 0.55 -8.51 -12.06
N ARG A 101 1.16 -7.34 -11.88
N ARG A 101 1.14 -7.35 -11.84
CA ARG A 101 2.60 -7.21 -12.05
CA ARG A 101 2.59 -7.21 -12.01
C ARG A 101 3.38 -7.95 -10.97
C ARG A 101 3.37 -7.97 -10.94
N THR A 102 4.56 -8.43 -11.34
CA THR A 102 5.56 -8.85 -10.36
C THR A 102 6.08 -7.66 -9.56
N ILE A 103 6.78 -7.96 -8.48
CA ILE A 103 7.50 -6.94 -7.71
C ILE A 103 8.99 -7.24 -7.78
N ALA A 104 9.81 -6.19 -7.83
CA ALA A 104 11.25 -6.37 -7.91
C ALA A 104 11.80 -6.84 -6.56
N SER A 105 12.84 -7.68 -6.60
CA SER A 105 13.44 -8.17 -5.37
C SER A 105 14.91 -8.41 -5.66
N PRO A 106 15.70 -8.72 -4.65
CA PRO A 106 17.14 -8.97 -4.90
C PRO A 106 17.40 -10.11 -5.85
N LYS A 107 16.47 -11.06 -5.96
CA LYS A 107 16.65 -12.27 -6.75
C LYS A 107 15.91 -12.19 -8.08
N GLY A 108 15.32 -11.04 -8.41
CA GLY A 108 14.56 -10.88 -9.61
C GLY A 108 13.07 -10.74 -9.32
N PRO A 109 12.26 -10.70 -10.37
CA PRO A 109 10.82 -10.47 -10.18
C PRO A 109 10.14 -11.58 -9.38
N VAL A 110 9.22 -11.17 -8.51
CA VAL A 110 8.49 -12.09 -7.64
C VAL A 110 7.02 -12.04 -8.05
N THR A 111 6.46 -13.21 -8.38
CA THR A 111 5.07 -13.29 -8.82
C THR A 111 4.13 -13.11 -7.64
N GLN A 112 2.97 -12.50 -7.91
CA GLN A 112 1.99 -12.33 -6.85
C GLN A 112 1.59 -13.68 -6.24
N MET A 113 1.47 -13.67 -4.91
CA MET A 113 0.93 -14.75 -4.09
C MET A 113 -0.58 -14.73 -4.01
N TYR A 114 -1.15 -13.53 -4.11
CA TYR A 114 -2.58 -13.31 -4.07
C TYR A 114 -2.96 -12.29 -5.13
N THR A 115 -4.07 -12.56 -5.83
CA THR A 115 -4.67 -11.63 -6.77
C THR A 115 -6.18 -11.77 -6.66
N ASN A 116 -6.85 -10.68 -6.32
CA ASN A 116 -8.32 -10.66 -6.25
C ASN A 116 -8.85 -9.32 -6.74
N VAL A 117 -9.20 -9.29 -8.03
CA VAL A 117 -9.75 -8.09 -8.64
C VAL A 117 -11.07 -7.68 -8.01
N ASP A 118 -11.85 -8.64 -7.51
CA ASP A 118 -13.12 -8.29 -6.88
C ASP A 118 -12.94 -7.52 -5.58
N LYS A 119 -11.84 -7.76 -4.86
CA LYS A 119 -11.52 -7.01 -3.65
C LYS A 119 -10.60 -5.82 -3.91
N ASP A 120 -10.14 -5.66 -5.15
CA ASP A 120 -9.12 -4.67 -5.52
C ASP A 120 -7.84 -4.91 -4.73
N LEU A 121 -7.42 -6.17 -4.63
CA LEU A 121 -6.37 -6.59 -3.71
C LEU A 121 -5.36 -7.49 -4.40
N VAL A 122 -4.09 -7.24 -4.12
CA VAL A 122 -3.02 -8.17 -4.50
C VAL A 122 -2.03 -8.25 -3.36
N GLY A 123 -1.23 -9.29 -3.38
CA GLY A 123 -0.18 -9.46 -2.39
C GLY A 123 0.97 -10.27 -2.92
N TRP A 124 2.16 -9.96 -2.42
CA TRP A 124 3.38 -10.71 -2.68
C TRP A 124 3.94 -11.15 -1.33
N GLN A 125 4.83 -12.13 -1.35
CA GLN A 125 5.55 -12.46 -0.12
C GLN A 125 6.27 -11.22 0.39
N ALA A 126 6.22 -10.99 1.69
CA ALA A 126 6.83 -9.79 2.23
C ALA A 126 8.34 -9.80 2.00
N PRO A 127 8.92 -8.66 1.59
CA PRO A 127 10.37 -8.63 1.32
C PRO A 127 11.19 -8.91 2.57
N GLN A 128 12.29 -9.63 2.39
CA GLN A 128 13.24 -9.81 3.47
C GLN A 128 13.66 -8.46 4.03
N GLY A 129 13.56 -8.30 5.34
CA GLY A 129 13.91 -7.06 6.01
C GLY A 129 12.73 -6.18 6.38
N SER A 130 11.61 -6.37 5.70
CA SER A 130 10.38 -5.69 6.10
C SER A 130 9.92 -6.17 7.46
N ARG A 131 9.03 -5.39 8.05
CA ARG A 131 8.36 -5.71 9.30
C ARG A 131 6.86 -5.76 8.99
N SER A 132 6.16 -6.70 9.60
CA SER A 132 4.74 -6.87 9.35
C SER A 132 3.90 -6.33 10.49
N LEU A 133 2.78 -5.71 10.13
CA LEU A 133 1.74 -5.39 11.08
C LEU A 133 0.93 -6.64 11.41
N THR A 134 0.35 -6.63 12.60
CA THR A 134 -0.49 -7.72 13.07
C THR A 134 -1.95 -7.40 12.82
N PRO A 135 -2.76 -8.33 12.33
CA PRO A 135 -4.19 -8.01 12.13
C PRO A 135 -4.86 -7.66 13.45
N CYS A 136 -5.65 -6.60 13.41
CA CYS A 136 -6.34 -6.13 14.60
C CYS A 136 -7.44 -7.09 15.03
N THR A 137 -7.50 -7.36 16.33
CA THR A 137 -8.63 -8.09 16.91
C THR A 137 -9.37 -7.24 17.94
N CYS A 138 -9.10 -5.92 17.97
CA CYS A 138 -9.61 -5.08 19.04
C CYS A 138 -11.10 -4.79 18.88
N GLY A 139 -11.60 -4.82 17.66
CA GLY A 139 -12.98 -4.44 17.42
C GLY A 139 -13.26 -2.98 17.71
N SER A 140 -12.24 -2.13 17.58
CA SER A 140 -12.32 -0.70 17.82
C SER A 140 -12.70 0.03 16.54
N SER A 141 -13.38 1.16 16.69
CA SER A 141 -13.79 1.99 15.57
C SER A 141 -13.02 3.30 15.47
N ASP A 142 -12.02 3.51 16.32
CA ASP A 142 -11.19 4.72 16.27
C ASP A 142 -9.89 4.35 15.54
N LEU A 143 -9.80 4.77 14.29
CA LEU A 143 -8.73 4.33 13.40
C LEU A 143 -7.85 5.50 12.97
N TYR A 144 -6.76 5.14 12.30
CA TYR A 144 -5.77 6.10 11.84
C TYR A 144 -5.26 5.68 10.47
N LEU A 145 -5.40 6.56 9.48
CA LEU A 145 -4.94 6.32 8.13
C LEU A 145 -3.56 6.93 7.94
N VAL A 146 -2.65 6.16 7.36
CA VAL A 146 -1.30 6.62 7.08
C VAL A 146 -1.16 6.85 5.58
N THR A 147 -0.78 8.07 5.21
CA THR A 147 -0.67 8.45 3.80
C THR A 147 0.77 8.36 3.31
N ARG A 148 0.94 8.49 1.98
CA ARG A 148 2.27 8.48 1.40
C ARG A 148 3.11 9.66 1.83
N HIS A 149 2.49 10.70 2.40
CA HIS A 149 3.19 11.86 2.93
C HIS A 149 3.45 11.73 4.42
N ALA A 150 3.21 10.55 4.98
CA ALA A 150 3.39 10.25 6.39
C ALA A 150 2.45 11.06 7.28
N ASP A 151 1.34 11.52 6.72
CA ASP A 151 0.27 12.07 7.54
C ASP A 151 -0.48 10.93 8.20
N VAL A 152 -0.76 11.09 9.49
CA VAL A 152 -1.55 10.14 10.26
C VAL A 152 -2.90 10.79 10.51
N ILE A 153 -3.92 10.31 9.83
CA ILE A 153 -5.23 10.95 9.72
C ILE A 153 -6.22 10.15 10.56
N PRO A 154 -6.82 10.73 11.60
CA PRO A 154 -7.87 10.01 12.34
C PRO A 154 -9.07 9.74 11.44
N VAL A 155 -9.59 8.52 11.56
CA VAL A 155 -10.73 8.05 10.76
C VAL A 155 -11.65 7.29 11.71
N ARG A 156 -12.92 7.66 11.75
CA ARG A 156 -13.92 6.91 12.50
C ARG A 156 -14.48 5.81 11.61
N ARG A 157 -14.38 4.56 12.04
CA ARG A 157 -14.95 3.47 11.26
C ARG A 157 -16.45 3.62 11.19
N ARG A 158 -17.01 3.51 9.97
CA ARG A 158 -18.45 3.67 9.75
C ARG A 158 -19.12 2.44 9.17
N GLY A 159 -18.36 1.42 8.81
CA GLY A 159 -18.89 0.16 8.33
C GLY A 159 -17.77 -0.83 8.19
N ASP A 160 -18.10 -1.98 7.59
CA ASP A 160 -17.07 -2.99 7.38
C ASP A 160 -15.93 -2.47 6.51
N SER A 161 -16.23 -1.59 5.55
CA SER A 161 -15.23 -1.15 4.58
C SER A 161 -15.22 0.37 4.40
N ARG A 162 -15.72 1.14 5.36
CA ARG A 162 -15.80 2.58 5.22
C ARG A 162 -15.44 3.26 6.53
N GLY A 163 -14.83 4.43 6.40
CA GLY A 163 -14.56 5.28 7.55
C GLY A 163 -14.65 6.73 7.13
N SER A 164 -14.96 7.59 8.10
CA SER A 164 -15.06 9.03 7.86
C SER A 164 -13.84 9.76 8.39
N LEU A 165 -13.37 10.74 7.62
N LEU A 165 -13.42 10.78 7.66
CA LEU A 165 -12.29 11.60 8.08
CA LEU A 165 -12.28 11.59 8.06
C LEU A 165 -12.83 12.52 9.16
C LEU A 165 -12.75 12.61 9.09
N LEU A 166 -12.09 12.65 10.26
CA LEU A 166 -12.50 13.60 11.29
C LEU A 166 -12.33 15.01 10.78
N SER A 167 -11.38 15.19 9.86
CA SER A 167 -11.07 16.48 9.26
C SER A 167 -11.00 16.26 7.74
N PRO A 168 -12.09 16.54 7.01
CA PRO A 168 -12.05 16.34 5.56
C PRO A 168 -10.93 17.14 4.90
N ARG A 169 -10.50 16.70 3.73
CA ARG A 169 -9.51 17.45 2.98
C ARG A 169 -9.62 17.12 1.50
N PRO A 170 -9.01 17.93 0.65
CA PRO A 170 -9.09 17.69 -0.79
C PRO A 170 -8.51 16.33 -1.15
N ILE A 171 -9.10 15.71 -2.17
CA ILE A 171 -8.62 14.39 -2.59
C ILE A 171 -7.18 14.44 -3.03
N SER A 172 -6.68 15.64 -3.39
CA SER A 172 -5.28 15.77 -3.76
C SER A 172 -4.37 15.23 -2.67
N TYR A 173 -4.77 15.37 -1.42
CA TYR A 173 -3.94 14.97 -0.29
C TYR A 173 -3.91 13.46 -0.09
N LEU A 174 -4.90 12.75 -0.62
CA LEU A 174 -4.98 11.29 -0.49
C LEU A 174 -4.50 10.56 -1.74
N LYS A 175 -4.42 11.25 -2.87
CA LYS A 175 -3.95 10.63 -4.10
C LYS A 175 -2.57 10.02 -3.88
N GLY A 176 -2.43 8.77 -4.34
CA GLY A 176 -1.20 8.05 -4.20
C GLY A 176 -1.04 7.26 -2.92
N SER A 177 -2.08 7.20 -2.08
CA SER A 177 -2.01 6.52 -0.80
C SER A 177 -2.77 5.20 -0.77
N SER A 178 -3.44 4.83 -1.86
CA SER A 178 -4.05 3.50 -1.91
C SER A 178 -2.97 2.46 -1.62
N GLY A 179 -3.36 1.41 -0.92
CA GLY A 179 -2.41 0.43 -0.44
C GLY A 179 -1.88 0.68 0.96
N GLY A 180 -2.06 1.90 1.49
CA GLY A 180 -1.65 2.24 2.83
C GLY A 180 -2.58 1.67 3.87
N PRO A 181 -2.12 1.68 5.12
CA PRO A 181 -2.91 1.04 6.18
C PRO A 181 -3.83 1.99 6.91
N LEU A 182 -4.95 1.42 7.39
CA LEU A 182 -5.70 1.97 8.51
C LEU A 182 -5.33 1.15 9.74
N LEU A 183 -4.98 1.83 10.83
CA LEU A 183 -4.49 1.20 12.06
C LEU A 183 -5.46 1.48 13.21
N CYS A 184 -5.49 0.58 14.18
CA CYS A 184 -6.24 0.81 15.42
C CYS A 184 -5.38 1.63 16.36
N PRO A 185 -5.91 2.02 17.52
CA PRO A 185 -5.08 2.78 18.49
C PRO A 185 -3.82 2.03 18.91
N ALA A 186 -3.87 0.71 18.98
CA ALA A 186 -2.74 -0.10 19.38
C ALA A 186 -1.76 -0.38 18.25
N GLY A 187 -2.01 0.16 17.06
CA GLY A 187 -1.08 -0.03 15.96
C GLY A 187 -1.26 -1.29 15.16
N HIS A 188 -2.36 -2.01 15.36
CA HIS A 188 -2.67 -3.17 14.53
C HIS A 188 -3.23 -2.73 13.18
N ALA A 189 -3.10 -3.61 12.18
CA ALA A 189 -3.67 -3.34 10.88
C ALA A 189 -5.17 -3.66 10.87
N VAL A 190 -5.99 -2.69 10.47
CA VAL A 190 -7.44 -2.84 10.42
C VAL A 190 -7.88 -2.95 8.96
N GLY A 191 -7.15 -2.33 8.05
CA GLY A 191 -7.54 -2.45 6.65
C GLY A 191 -6.54 -1.79 5.74
N ILE A 192 -6.80 -1.92 4.44
CA ILE A 192 -5.98 -1.33 3.37
C ILE A 192 -6.79 -0.26 2.65
N PHE A 193 -6.25 0.96 2.59
CA PHE A 193 -6.91 2.08 1.90
C PHE A 193 -7.09 1.78 0.41
N ARG A 194 -8.33 1.93 -0.08
CA ARG A 194 -8.70 1.58 -1.45
C ARG A 194 -9.18 2.77 -2.28
N ALA A 195 -10.08 3.59 -1.75
CA ALA A 195 -10.67 4.66 -2.54
C ALA A 195 -11.12 5.78 -1.62
N ALA A 196 -11.18 6.99 -2.16
CA ALA A 196 -11.68 8.15 -1.44
C ALA A 196 -13.09 8.48 -1.91
N VAL A 197 -13.98 8.72 -0.96
CA VAL A 197 -15.34 9.17 -1.24
C VAL A 197 -15.31 10.69 -1.26
N SER A 198 -15.53 11.29 -2.42
CA SER A 198 -15.33 12.72 -2.59
C SER A 198 -16.64 13.41 -3.00
N THR A 199 -16.84 14.59 -2.42
CA THR A 199 -17.95 15.48 -2.77
C THR A 199 -17.32 16.80 -3.22
N ARG A 200 -17.46 17.11 -4.50
CA ARG A 200 -16.88 18.33 -5.07
C ARG A 200 -15.40 18.46 -4.70
N GLY A 201 -14.68 17.35 -4.80
CA GLY A 201 -13.25 17.34 -4.60
C GLY A 201 -12.78 17.16 -3.18
N VAL A 202 -13.69 17.15 -2.20
CA VAL A 202 -13.34 17.02 -0.79
C VAL A 202 -13.62 15.59 -0.36
N ALA A 203 -12.61 14.95 0.21
CA ALA A 203 -12.78 13.61 0.79
C ALA A 203 -13.37 13.75 2.19
N LYS A 204 -14.61 13.28 2.36
CA LYS A 204 -15.19 13.17 3.70
C LYS A 204 -15.09 11.76 4.26
N ALA A 205 -14.85 10.77 3.41
CA ALA A 205 -14.81 9.37 3.83
C ALA A 205 -13.86 8.59 2.94
N VAL A 206 -13.47 7.41 3.41
CA VAL A 206 -12.60 6.52 2.66
C VAL A 206 -13.20 5.13 2.62
N ALA A 207 -12.90 4.39 1.57
CA ALA A 207 -13.20 2.97 1.46
C ALA A 207 -11.90 2.21 1.67
N PHE A 208 -11.99 1.08 2.36
CA PHE A 208 -10.81 0.26 2.61
C PHE A 208 -11.18 -1.22 2.58
N ILE A 209 -10.15 -2.04 2.34
CA ILE A 209 -10.26 -3.48 2.36
C ILE A 209 -10.06 -3.94 3.80
N PRO A 210 -11.06 -4.53 4.44
CA PRO A 210 -10.92 -4.92 5.85
C PRO A 210 -9.87 -6.00 6.00
N VAL A 211 -9.15 -5.97 7.14
CA VAL A 211 -8.08 -6.95 7.34
C VAL A 211 -8.66 -8.35 7.39
N GLU A 212 -9.91 -8.51 7.83
CA GLU A 212 -10.51 -9.85 7.83
C GLU A 212 -10.57 -10.42 6.42
N SER A 213 -10.80 -9.57 5.42
CA SER A 213 -10.80 -10.02 4.04
C SER A 213 -9.42 -10.52 3.64
N LEU A 214 -8.37 -9.83 4.10
CA LEU A 214 -7.02 -10.32 3.85
C LEU A 214 -6.78 -11.64 4.56
N GLU A 215 -7.29 -11.77 5.79
CA GLU A 215 -7.06 -12.98 6.56
C GLU A 215 -7.76 -14.18 5.94
N THR A 216 -8.95 -13.97 5.35
CA THR A 216 -9.60 -15.06 4.63
C THR A 216 -8.80 -15.45 3.40
N THR A 217 -8.31 -14.46 2.66
CA THR A 217 -7.48 -14.75 1.49
C THR A 217 -6.27 -15.60 1.86
N MET A 218 -5.66 -15.34 3.02
CA MET A 218 -4.47 -16.09 3.40
C MET A 218 -4.83 -17.51 3.86
#